data_3X0Q
#
_entry.id   3X0Q
#
_cell.length_a   49.604
_cell.length_b   49.604
_cell.length_c   118.830
_cell.angle_alpha   90.00
_cell.angle_beta   90.00
_cell.angle_gamma   120.00
#
_symmetry.space_group_name_H-M   'P 32 2 1'
#
loop_
_entity.id
_entity.type
_entity.pdbx_description
1 polymer 'ADP-ribose pyrophosphatase'
2 non-polymer '[(2R,3S,4R,5R)-5-(6-AMINOPURIN-9-YL)-3,4-DIHYDROXY-OXOLAN-2-YL]METHYL [HYDROXY-[[(2R,3S,4R,5S)-3,4,5-TRIHYDROXYOXOLAN-2-YL]METHOXY]PHOSPHORYL] HYDROGEN PHOSPHATE'
3 non-polymer 'MANGANESE (II) ION'
4 non-polymer GLYCEROL
5 non-polymer 'SULFATE ION'
6 water water
#
_entity_poly.entity_id   1
_entity_poly.type   'polypeptide(L)'
_entity_poly.pdbx_seq_one_letter_code
;MGRVYYGGVERTYLYRGRILNLALEGRYEIVEHKPAVAVIALREGRMLFVRQMRPAVGLAPLEIPAGLIEPGEDPLEAAR
RELAEETGLSGDLTYLFSYFVSPGFTDEKTHVFLAENLKEVEAHPDEDEAIEVVWMRPEEALERHQRGEVEFSATGLVGV
LYYHAFLRGR
;
_entity_poly.pdbx_strand_id   A
#
loop_
_chem_comp.id
_chem_comp.type
_chem_comp.name
_chem_comp.formula
AR6 non-polymer '[(2R,3S,4R,5R)-5-(6-AMINOPURIN-9-YL)-3,4-DIHYDROXY-OXOLAN-2-YL]METHYL [HYDROXY-[[(2R,3S,4R,5S)-3,4,5-TRIHYDROXYOXOLAN-2-YL]METHOXY]PHOSPHORYL] HYDROGEN PHOSPHATE' 'C15 H23 N5 O14 P2'
GOL non-polymer GLYCEROL 'C3 H8 O3'
MN non-polymer 'MANGANESE (II) ION' 'Mn 2'
SO4 non-polymer 'SULFATE ION' 'O4 S -2'
#
# COMPACT_ATOMS: atom_id res chain seq x y z
N GLU A 10 14.62 -24.80 -10.43
CA GLU A 10 14.69 -25.60 -9.20
C GLU A 10 15.21 -24.69 -8.09
N ARG A 11 14.28 -24.36 -7.22
CA ARG A 11 14.71 -23.59 -6.09
C ARG A 11 15.10 -24.50 -4.93
N THR A 12 16.12 -24.03 -4.25
CA THR A 12 16.55 -24.56 -2.97
C THR A 12 16.06 -23.59 -1.90
N TYR A 13 15.39 -24.07 -0.85
CA TYR A 13 14.89 -23.20 0.18
C TYR A 13 15.88 -23.07 1.34
N LEU A 14 16.29 -21.88 1.70
CA LEU A 14 17.15 -21.58 2.83
C LEU A 14 16.32 -21.17 4.07
N TYR A 15 15.11 -20.64 3.89
CA TYR A 15 14.31 -20.13 4.99
C TYR A 15 12.87 -20.12 4.54
N ARG A 16 11.96 -20.72 5.28
CA ARG A 16 10.52 -20.68 5.04
C ARG A 16 9.91 -19.92 6.21
N GLY A 17 9.35 -18.77 5.96
CA GLY A 17 8.84 -17.92 6.99
C GLY A 17 7.33 -17.66 6.92
N ARG A 18 7.05 -16.62 7.71
CA ARG A 18 5.70 -16.15 7.96
C ARG A 18 5.24 -15.30 6.78
N ILE A 19 6.08 -14.37 6.29
N ILE A 19 6.05 -14.33 6.30
CA ILE A 19 5.59 -13.60 5.15
CA ILE A 19 5.57 -13.55 5.14
C ILE A 19 6.55 -13.67 3.97
C ILE A 19 6.49 -13.77 3.94
N LEU A 20 7.61 -14.45 4.16
CA LEU A 20 8.51 -14.67 3.00
C LEU A 20 9.20 -16.01 3.09
N ASN A 21 9.71 -16.48 1.95
CA ASN A 21 10.66 -17.58 1.92
C ASN A 21 11.89 -17.06 1.18
N LEU A 22 13.06 -17.58 1.53
CA LEU A 22 14.31 -17.27 0.83
C LEU A 22 14.78 -18.53 0.08
N ALA A 23 14.99 -18.37 -1.23
CA ALA A 23 15.37 -19.53 -2.04
C ALA A 23 16.62 -19.16 -2.84
N LEU A 24 17.36 -20.14 -3.32
CA LEU A 24 18.36 -19.96 -4.33
C LEU A 24 17.90 -20.73 -5.57
N GLU A 25 18.12 -20.04 -6.67
CA GLU A 25 17.81 -20.64 -7.96
C GLU A 25 19.05 -20.38 -8.79
N GLY A 26 19.90 -21.38 -8.82
CA GLY A 26 21.23 -21.22 -9.36
C GLY A 26 21.93 -20.10 -8.60
N ARG A 27 22.36 -19.08 -9.34
CA ARG A 27 23.09 -17.96 -8.74
C ARG A 27 22.14 -16.90 -8.18
N TYR A 28 20.85 -17.07 -8.38
CA TYR A 28 19.90 -16.02 -8.00
C TYR A 28 19.39 -16.23 -6.61
N GLU A 29 19.38 -15.14 -5.85
CA GLU A 29 18.76 -15.12 -4.50
C GLU A 29 17.35 -14.58 -4.70
N ILE A 30 16.36 -15.37 -4.24
CA ILE A 30 14.96 -15.05 -4.50
C ILE A 30 14.16 -15.10 -3.24
N VAL A 31 13.42 -14.02 -3.05
CA VAL A 31 12.50 -13.91 -1.92
C VAL A 31 11.11 -14.10 -2.41
N GLU A 32 10.45 -15.18 -2.01
CA GLU A 32 9.03 -15.40 -2.28
C GLU A 32 8.25 -14.63 -1.20
N HIS A 33 7.17 -13.97 -1.65
CA HIS A 33 6.43 -13.13 -0.72
C HIS A 33 4.99 -13.14 -1.13
N LYS A 34 4.08 -13.06 -0.17
CA LYS A 34 2.65 -13.02 -0.50
CA LYS A 34 2.65 -13.00 -0.47
C LYS A 34 2.33 -11.80 -1.37
N PRO A 35 1.32 -11.88 -2.24
CA PRO A 35 0.92 -10.68 -2.98
C PRO A 35 0.25 -9.69 -2.04
N ALA A 36 0.24 -8.44 -2.48
CA ALA A 36 -0.23 -7.32 -1.70
C ALA A 36 -1.30 -6.55 -2.49
N VAL A 37 -2.03 -5.72 -1.76
CA VAL A 37 -2.94 -4.74 -2.35
C VAL A 37 -2.66 -3.38 -1.79
N ALA A 38 -3.10 -2.34 -2.50
CA ALA A 38 -2.97 -0.96 -2.01
C ALA A 38 -4.19 -0.19 -2.55
N VAL A 39 -4.61 0.79 -1.76
CA VAL A 39 -5.84 1.51 -2.12
C VAL A 39 -5.56 3.03 -2.17
N ILE A 40 -5.84 3.62 -3.34
CA ILE A 40 -5.77 5.06 -3.55
C ILE A 40 -7.14 5.66 -3.25
N ALA A 41 -7.22 6.62 -2.35
CA ALA A 41 -8.52 7.23 -2.04
C ALA A 41 -8.36 8.73 -1.87
N LEU A 42 -9.24 9.48 -2.50
CA LEU A 42 -9.25 10.94 -2.48
CA LEU A 42 -9.23 10.94 -2.50
C LEU A 42 -10.56 11.41 -1.86
N ARG A 43 -10.43 12.42 -0.99
CA ARG A 43 -11.66 13.01 -0.42
CA ARG A 43 -11.65 13.02 -0.44
C ARG A 43 -11.35 14.50 -0.20
N GLU A 44 -12.12 15.39 -0.79
CA GLU A 44 -12.01 16.84 -0.64
CA GLU A 44 -12.03 16.82 -0.76
C GLU A 44 -10.58 17.27 -0.92
N GLY A 45 -9.93 16.67 -1.92
CA GLY A 45 -8.57 17.00 -2.31
C GLY A 45 -7.48 16.39 -1.45
N ARG A 46 -7.84 15.59 -0.46
CA ARG A 46 -6.80 14.95 0.35
CA ARG A 46 -6.82 14.94 0.38
C ARG A 46 -6.74 13.48 -0.01
N MET A 47 -5.53 12.95 -0.07
CA MET A 47 -5.36 11.51 -0.26
C MET A 47 -5.21 10.84 1.09
N LEU A 48 -5.70 9.59 1.18
CA LEU A 48 -5.66 8.82 2.40
C LEU A 48 -4.29 8.11 2.47
N PHE A 49 -3.40 8.68 3.29
CA PHE A 49 -2.11 8.00 3.54
C PHE A 49 -2.20 7.31 4.91
N VAL A 50 -1.28 6.40 5.12
CA VAL A 50 -1.08 5.83 6.44
C VAL A 50 0.42 5.82 6.72
N ARG A 51 0.74 5.82 8.01
CA ARG A 51 2.13 5.64 8.46
CA ARG A 51 2.12 5.68 8.49
C ARG A 51 2.15 4.66 9.63
N GLN A 52 3.23 3.90 9.70
CA GLN A 52 3.41 2.97 10.85
CA GLN A 52 3.39 2.92 10.78
C GLN A 52 4.89 2.70 10.95
N MET A 53 5.36 2.38 12.12
CA MET A 53 6.79 2.05 12.17
C MET A 53 7.02 0.78 11.35
N ARG A 54 8.07 0.87 10.54
CA ARG A 54 8.47 -0.22 9.67
C ARG A 54 9.87 -0.67 10.07
N PRO A 55 10.02 -1.72 10.87
CA PRO A 55 11.34 -2.13 11.36
C PRO A 55 12.35 -2.34 10.26
N ALA A 56 11.94 -2.74 9.06
CA ALA A 56 12.91 -2.98 8.01
C ALA A 56 13.68 -1.70 7.67
N VAL A 57 13.00 -0.55 7.81
CA VAL A 57 13.66 0.72 7.43
C VAL A 57 13.86 1.61 8.63
N GLY A 58 13.36 1.34 9.81
CA GLY A 58 13.72 2.13 10.97
C GLY A 58 13.01 3.46 10.96
N LEU A 59 11.93 3.59 10.22
CA LEU A 59 11.18 4.84 10.18
C LEU A 59 9.77 4.56 9.68
N ALA A 60 8.95 5.58 9.58
CA ALA A 60 7.56 5.42 9.16
C ALA A 60 7.41 6.18 7.85
N PRO A 61 7.49 5.52 6.71
CA PRO A 61 7.30 6.19 5.45
C PRO A 61 5.83 6.50 5.19
N LEU A 62 5.58 7.40 4.25
CA LEU A 62 4.21 7.72 3.82
CA LEU A 62 4.24 7.75 3.80
C LEU A 62 3.78 6.65 2.85
N GLU A 63 2.75 5.91 3.21
CA GLU A 63 2.20 4.83 2.40
C GLU A 63 0.73 5.13 2.13
N ILE A 64 0.08 4.34 1.28
CA ILE A 64 -1.37 4.32 1.23
C ILE A 64 -1.82 3.03 1.88
N PRO A 65 -3.09 2.90 2.25
CA PRO A 65 -3.53 1.66 2.92
C PRO A 65 -3.20 0.46 2.07
N ALA A 66 -2.59 -0.53 2.69
CA ALA A 66 -2.02 -1.66 1.92
C ALA A 66 -1.96 -2.85 2.87
N GLY A 67 -2.00 -4.03 2.28
CA GLY A 67 -1.84 -5.22 3.11
C GLY A 67 -1.62 -6.44 2.24
N LEU A 68 -1.42 -7.56 2.91
CA LEU A 68 -1.20 -8.80 2.19
C LEU A 68 -2.52 -9.48 1.92
N ILE A 69 -2.58 -10.18 0.77
CA ILE A 69 -3.77 -10.99 0.50
C ILE A 69 -3.72 -12.25 1.35
N GLU A 70 -4.78 -12.54 2.06
CA GLU A 70 -4.81 -13.73 2.93
C GLU A 70 -5.44 -14.92 2.24
N PRO A 71 -5.26 -16.11 2.77
CA PRO A 71 -5.75 -17.32 2.10
C PRO A 71 -7.26 -17.16 1.90
N GLY A 72 -7.66 -17.49 0.66
CA GLY A 72 -9.08 -17.53 0.36
C GLY A 72 -9.53 -16.20 -0.27
N GLU A 73 -8.74 -15.14 -0.13
CA GLU A 73 -9.12 -13.84 -0.66
C GLU A 73 -8.59 -13.58 -2.07
N ASP A 74 -9.39 -12.77 -2.75
CA ASP A 74 -8.85 -12.25 -3.98
C ASP A 74 -8.39 -10.82 -3.78
N PRO A 75 -7.75 -10.16 -4.73
CA PRO A 75 -7.26 -8.81 -4.44
C PRO A 75 -8.33 -7.82 -4.04
N LEU A 76 -9.52 -7.86 -4.68
CA LEU A 76 -10.56 -6.88 -4.35
C LEU A 76 -10.99 -7.01 -2.88
N GLU A 77 -11.15 -8.26 -2.45
CA GLU A 77 -11.57 -8.52 -1.08
C GLU A 77 -10.53 -8.09 -0.08
N ALA A 78 -9.25 -8.37 -0.40
CA ALA A 78 -8.15 -7.93 0.47
C ALA A 78 -8.12 -6.43 0.57
N ALA A 79 -8.35 -5.77 -0.58
CA ALA A 79 -8.34 -4.29 -0.56
C ALA A 79 -9.44 -3.72 0.34
N ARG A 80 -10.65 -4.30 0.21
CA ARG A 80 -11.75 -3.91 1.08
CA ARG A 80 -11.76 -3.90 1.08
CA ARG A 80 -11.73 -3.87 1.09
C ARG A 80 -11.34 -4.10 2.53
N ARG A 81 -10.77 -5.29 2.82
CA ARG A 81 -10.44 -5.55 4.22
C ARG A 81 -9.42 -4.59 4.76
N GLU A 82 -8.32 -4.37 4.04
CA GLU A 82 -7.26 -3.52 4.52
CA GLU A 82 -7.32 -3.55 4.72
C GLU A 82 -7.78 -2.11 4.73
N LEU A 83 -8.60 -1.63 3.76
CA LEU A 83 -9.11 -0.25 3.93
C LEU A 83 -9.88 -0.17 5.23
N ALA A 84 -10.75 -1.14 5.53
CA ALA A 84 -11.54 -1.12 6.75
C ALA A 84 -10.69 -1.29 8.01
N GLU A 85 -9.75 -2.22 7.98
CA GLU A 85 -8.96 -2.48 9.18
C GLU A 85 -8.04 -1.30 9.46
N GLU A 86 -7.47 -0.70 8.42
CA GLU A 86 -6.45 0.31 8.70
C GLU A 86 -7.03 1.68 8.90
N THR A 87 -8.21 1.95 8.33
CA THR A 87 -8.72 3.31 8.35
C THR A 87 -10.18 3.37 8.79
N GLY A 88 -10.90 2.27 8.92
CA GLY A 88 -12.29 2.32 9.32
C GLY A 88 -13.23 2.64 8.20
N LEU A 89 -12.80 2.64 6.96
CA LEU A 89 -13.60 3.12 5.85
C LEU A 89 -13.94 1.98 4.88
N SER A 90 -15.04 2.22 4.15
CA SER A 90 -15.37 1.36 3.03
C SER A 90 -15.60 2.28 1.86
N GLY A 91 -15.48 1.76 0.66
CA GLY A 91 -15.79 2.56 -0.51
C GLY A 91 -16.12 1.68 -1.70
N ASP A 92 -16.41 2.34 -2.81
CA ASP A 92 -16.60 1.66 -4.10
C ASP A 92 -15.21 1.50 -4.71
N LEU A 93 -14.76 0.28 -4.92
CA LEU A 93 -13.38 0.00 -5.36
CA LEU A 93 -13.38 -0.01 -5.34
C LEU A 93 -13.34 -0.41 -6.82
N THR A 94 -12.32 0.18 -7.49
CA THR A 94 -12.09 -0.16 -8.89
C THR A 94 -10.64 -0.54 -9.07
N TYR A 95 -10.41 -1.67 -9.72
CA TYR A 95 -9.03 -2.10 -10.00
C TYR A 95 -8.33 -1.15 -10.96
N LEU A 96 -7.10 -0.77 -10.68
CA LEU A 96 -6.35 0.12 -11.54
C LEU A 96 -5.25 -0.59 -12.32
N PHE A 97 -4.33 -1.25 -11.65
CA PHE A 97 -3.13 -1.84 -12.27
C PHE A 97 -2.37 -2.57 -11.18
N SER A 98 -1.33 -3.29 -11.60
CA SER A 98 -0.51 -4.05 -10.66
CA SER A 98 -0.50 -4.05 -10.68
C SER A 98 0.96 -3.81 -10.98
N TYR A 99 1.82 -4.13 -10.03
CA TYR A 99 3.26 -4.03 -10.32
C TYR A 99 4.01 -5.01 -9.43
N PHE A 100 5.14 -5.46 -9.94
CA PHE A 100 6.11 -6.19 -9.12
C PHE A 100 6.99 -5.21 -8.40
N VAL A 101 7.05 -5.32 -7.06
CA VAL A 101 7.74 -4.32 -6.26
C VAL A 101 9.23 -4.23 -6.57
N SER A 102 9.87 -5.38 -6.88
CA SER A 102 11.34 -5.39 -7.11
C SER A 102 11.69 -6.72 -7.72
N PRO A 103 11.36 -6.89 -9.00
CA PRO A 103 11.42 -8.21 -9.60
C PRO A 103 12.83 -8.72 -9.83
N GLY A 104 13.87 -7.95 -9.54
CA GLY A 104 15.24 -8.50 -9.54
C GLY A 104 15.48 -9.43 -8.37
N PHE A 105 14.61 -9.46 -7.35
CA PHE A 105 14.86 -10.41 -6.24
C PHE A 105 13.61 -10.96 -5.58
N THR A 106 12.46 -10.33 -5.74
CA THR A 106 11.29 -10.89 -5.10
C THR A 106 10.14 -11.01 -6.09
N ASP A 107 9.21 -11.95 -5.81
CA ASP A 107 8.02 -12.08 -6.63
C ASP A 107 6.84 -11.27 -6.09
N GLU A 108 7.07 -10.43 -5.05
CA GLU A 108 5.94 -9.71 -4.49
C GLU A 108 5.26 -8.86 -5.58
N LYS A 109 3.95 -9.02 -5.73
CA LYS A 109 3.14 -8.28 -6.70
C LYS A 109 2.10 -7.49 -5.92
N THR A 110 1.92 -6.24 -6.27
CA THR A 110 0.95 -5.35 -5.66
C THR A 110 -0.17 -5.00 -6.62
N HIS A 111 -1.42 -5.20 -6.18
CA HIS A 111 -2.60 -4.84 -6.97
C HIS A 111 -3.17 -3.56 -6.40
N VAL A 112 -3.31 -2.56 -7.24
CA VAL A 112 -3.70 -1.24 -6.77
C VAL A 112 -5.15 -0.92 -7.20
N PHE A 113 -5.92 -0.43 -6.24
CA PHE A 113 -7.31 -0.06 -6.45
C PHE A 113 -7.55 1.38 -6.17
N LEU A 114 -8.57 1.95 -6.78
CA LEU A 114 -9.10 3.25 -6.42
C LEU A 114 -10.34 3.03 -5.55
N ALA A 115 -10.49 3.85 -4.50
CA ALA A 115 -11.71 3.83 -3.71
C ALA A 115 -12.41 5.17 -3.83
N GLU A 116 -13.71 5.11 -4.09
CA GLU A 116 -14.57 6.28 -4.13
C GLU A 116 -15.74 6.11 -3.16
N ASN A 117 -16.38 7.25 -2.88
CA ASN A 117 -17.60 7.32 -2.06
C ASN A 117 -17.38 6.68 -0.69
N LEU A 118 -16.31 7.14 -0.06
CA LEU A 118 -15.92 6.54 1.21
C LEU A 118 -16.90 6.82 2.33
N LYS A 119 -17.08 5.76 3.13
CA LYS A 119 -17.96 5.90 4.29
C LYS A 119 -17.25 5.29 5.48
N GLU A 120 -17.45 5.86 6.65
CA GLU A 120 -16.98 5.22 7.87
CA GLU A 120 -16.97 5.21 7.86
C GLU A 120 -17.84 4.01 8.23
N VAL A 121 -17.21 2.85 8.33
CA VAL A 121 -17.89 1.64 8.78
C VAL A 121 -17.43 1.29 10.22
N GLU A 122 -16.32 1.86 10.72
CA GLU A 122 -15.91 1.80 12.14
C GLU A 122 -14.99 2.94 12.62
N ALA A 123 -15.23 3.34 13.89
CA ALA A 123 -14.25 4.25 14.52
C ALA A 123 -12.93 3.52 14.79
N GLU A 129 -4.56 0.53 16.34
CA GLU A 129 -4.05 1.88 16.51
C GLU A 129 -2.58 2.03 16.12
N ALA A 130 -1.85 0.97 15.80
CA ALA A 130 -0.47 1.09 15.34
C ALA A 130 -0.33 1.73 13.97
N ILE A 131 -1.47 2.01 13.32
CA ILE A 131 -1.38 2.65 12.01
CA ILE A 131 -1.48 2.61 11.99
C ILE A 131 -1.98 4.03 12.16
N GLU A 132 -1.24 5.02 11.77
CA GLU A 132 -1.68 6.42 11.80
C GLU A 132 -2.34 6.77 10.47
N VAL A 133 -3.58 7.28 10.53
CA VAL A 133 -4.27 7.77 9.34
C VAL A 133 -3.83 9.19 9.09
N VAL A 134 -3.32 9.43 7.87
CA VAL A 134 -2.77 10.72 7.49
C VAL A 134 -3.46 11.21 6.24
N TRP A 135 -4.56 11.95 6.37
CA TRP A 135 -5.13 12.59 5.20
C TRP A 135 -4.27 13.78 4.83
N MET A 136 -3.87 13.85 3.57
CA MET A 136 -2.95 14.94 3.16
C MET A 136 -3.11 15.21 1.68
N ARG A 137 -3.13 16.49 1.31
CA ARG A 137 -3.16 16.80 -0.14
CA ARG A 137 -3.18 16.73 -0.15
C ARG A 137 -1.95 16.14 -0.82
N PRO A 138 -2.12 15.47 -1.95
CA PRO A 138 -0.95 14.86 -2.59
C PRO A 138 0.13 15.89 -2.98
N GLU A 139 -0.27 17.11 -3.27
CA GLU A 139 0.69 18.16 -3.60
C GLU A 139 1.60 18.41 -2.41
N GLU A 140 0.96 18.38 -1.23
CA GLU A 140 1.76 18.58 -0.03
C GLU A 140 2.64 17.39 0.31
N ALA A 141 2.14 16.18 0.08
CA ALA A 141 3.01 15.00 0.28
C ALA A 141 4.24 15.08 -0.60
N LEU A 142 4.03 15.46 -1.89
CA LEU A 142 5.18 15.53 -2.80
C LEU A 142 6.13 16.60 -2.34
N GLU A 143 5.64 17.80 -1.93
CA GLU A 143 6.51 18.87 -1.44
C GLU A 143 7.25 18.43 -0.19
N ARG A 144 6.61 17.81 0.77
CA ARG A 144 7.34 17.40 1.98
C ARG A 144 8.43 16.43 1.61
N HIS A 145 8.15 15.52 0.67
CA HIS A 145 9.18 14.60 0.23
C HIS A 145 10.33 15.31 -0.44
N GLN A 146 10.01 16.24 -1.36
CA GLN A 146 11.12 16.93 -2.04
CA GLN A 146 11.09 16.96 -2.04
C GLN A 146 11.96 17.71 -1.06
N ARG A 147 11.38 18.15 0.06
CA ARG A 147 12.21 18.89 1.04
C ARG A 147 12.81 17.93 2.04
N GLY A 148 12.65 16.62 1.95
CA GLY A 148 13.39 15.70 2.83
C GLY A 148 12.66 15.41 4.13
N GLU A 149 11.40 15.83 4.19
CA GLU A 149 10.72 15.77 5.47
C GLU A 149 10.02 14.43 5.65
N VAL A 150 9.71 13.69 4.56
CA VAL A 150 9.05 12.39 4.67
C VAL A 150 9.60 11.52 3.54
N GLU A 151 9.61 10.21 3.82
CA GLU A 151 10.01 9.22 2.83
C GLU A 151 8.73 8.62 2.27
N PHE A 152 8.81 8.05 1.07
CA PHE A 152 7.69 7.37 0.47
C PHE A 152 7.91 5.88 0.44
N SER A 153 6.84 5.12 0.59
CA SER A 153 6.87 3.73 0.06
C SER A 153 6.51 3.80 -1.43
N ALA A 154 6.72 2.69 -2.13
CA ALA A 154 6.24 2.63 -3.53
C ALA A 154 4.76 2.90 -3.58
N THR A 155 3.97 2.35 -2.65
CA THR A 155 2.51 2.57 -2.76
C THR A 155 2.21 4.04 -2.56
N GLY A 156 2.86 4.73 -1.62
CA GLY A 156 2.57 6.15 -1.44
C GLY A 156 2.95 6.98 -2.67
N LEU A 157 4.11 6.67 -3.27
CA LEU A 157 4.52 7.40 -4.45
C LEU A 157 3.59 7.12 -5.63
N VAL A 158 3.19 5.87 -5.80
CA VAL A 158 2.24 5.53 -6.89
C VAL A 158 0.95 6.29 -6.65
N GLY A 159 0.45 6.37 -5.39
CA GLY A 159 -0.79 7.13 -5.19
C GLY A 159 -0.63 8.59 -5.56
N VAL A 160 0.49 9.23 -5.15
CA VAL A 160 0.69 10.65 -5.47
C VAL A 160 0.80 10.85 -6.96
N LEU A 161 1.55 9.95 -7.66
CA LEU A 161 1.70 10.15 -9.12
C LEU A 161 0.40 9.87 -9.84
N TYR A 162 -0.35 8.85 -9.41
CA TYR A 162 -1.62 8.59 -10.05
C TYR A 162 -2.55 9.79 -9.90
N TYR A 163 -2.61 10.37 -8.69
CA TYR A 163 -3.47 11.53 -8.55
C TYR A 163 -3.06 12.61 -9.53
N HIS A 164 -1.77 12.95 -9.60
CA HIS A 164 -1.38 14.08 -10.42
C HIS A 164 -1.66 13.80 -11.91
N ALA A 165 -1.59 12.51 -12.30
CA ALA A 165 -1.82 12.12 -13.70
C ALA A 165 -3.32 12.19 -14.03
N PHE A 166 -4.16 11.67 -13.10
CA PHE A 166 -5.54 11.36 -13.51
C PHE A 166 -6.63 11.90 -12.63
N LEU A 167 -6.33 12.46 -11.47
CA LEU A 167 -7.46 12.81 -10.59
C LEU A 167 -7.58 14.31 -10.33
N ARG A 168 -6.90 15.18 -11.04
CA ARG A 168 -7.08 16.63 -10.82
C ARG A 168 -8.12 17.35 -11.68
N1 AR6 B . 7.94 -10.07 9.12
C2 AR6 B . 7.05 -10.68 9.87
N3 AR6 B . 5.72 -10.35 9.93
C4 AR6 B . 5.42 -9.08 9.53
C5 AR6 B . 6.39 -8.22 8.83
C6 AR6 B . 7.74 -8.81 8.64
N6 AR6 B . 8.72 -8.09 8.04
N7 AR6 B . 5.77 -6.99 8.58
C8 AR6 B . 4.56 -7.10 9.15
N9 AR6 B . 4.32 -8.34 9.63
PA AR6 B . -0.63 -6.11 6.40
PB AR6 B . 1.70 -4.71 5.34
C1' AR6 B . 3.06 -8.94 10.15
O1A AR6 B . -1.35 -4.80 6.57
O1B AR6 B . 2.80 -5.05 6.27
C1D AR6 B . 4.45 -2.65 2.31
O1D AR6 B . 5.07 -2.20 1.08
C2' AR6 B . 2.33 -7.99 11.07
O2' AR6 B . 1.59 -8.82 11.98
O2A AR6 B . -1.39 -7.21 5.73
O2B AR6 B . 0.98 -3.40 5.43
C2D AR6 B . 4.74 -4.10 2.53
O2D AR6 B . 6.10 -4.39 2.30
C3' AR6 B . 1.33 -7.35 10.16
O3' AR6 B . 0.18 -6.99 10.91
O3A AR6 B . 0.58 -5.88 5.41
C3D AR6 B . 3.77 -4.84 1.61
O3D AR6 B . 4.29 -4.81 0.25
C4' AR6 B . 1.07 -8.34 9.07
O4' AR6 B . 2.24 -9.17 9.00
C4D AR6 B . 2.54 -3.96 1.68
O4D AR6 B . 3.02 -2.66 2.12
C5' AR6 B . 1.07 -7.62 7.68
O5' AR6 B . 0.10 -6.56 7.77
C5D AR6 B . 1.54 -4.43 2.68
O5D AR6 B . 2.25 -4.95 3.86
MN MN C . -0.83 -2.74 6.21
MN MN D . -3.34 -4.36 7.83
MN MN E . -4.59 3.93 14.10
C1 GOL F . 5.63 -16.98 0.02
O1 GOL F . 4.70 -16.44 -0.89
C2 GOL F . 5.04 -16.67 1.40
O2 GOL F . 3.70 -17.17 1.51
C3 GOL F . 5.95 -17.07 2.54
O3 GOL F . 5.26 -17.18 3.77
S SO4 G . 4.83 15.12 10.68
O1 SO4 G . 5.87 15.27 11.71
O2 SO4 G . 3.61 14.44 11.04
O3 SO4 G . 4.42 16.43 10.17
O4 SO4 G . 5.53 14.40 9.59
#